data_5O7V
#
_entry.id   5O7V
#
_cell.length_a   129.883
_cell.length_b   129.883
_cell.length_c   129.883
_cell.angle_alpha   90.00
_cell.angle_beta   90.00
_cell.angle_gamma   90.00
#
_symmetry.space_group_name_H-M   'F 2 3'
#
loop_
_entity.id
_entity.type
_entity.pdbx_description
1 polymer 'Fucose-binding lectin protein'
2 branched alpha-L-fucopyranose-(1-3)-2-acetamido-2-deoxy-beta-D-glucopyranose
3 branched alpha-L-fucopyranose-(1-3)-[beta-D-galactopyranose-(1-4)]2-acetamido-2-deoxy-beta-D-glucopyranose-(1-3)-alpha-D-galactopyranose
4 branched alpha-L-fucopyranose-(1-3)-[beta-D-galactopyranose-(1-4)]2-acetamido-2-deoxy-beta-D-glucopyranose
5 non-polymer ETHANOL
6 non-polymer 'CHLORIDE ION'
7 non-polymer 'SODIUM ION'
8 water water
#
_entity_poly.entity_id   1
_entity_poly.type   'polypeptide(L)'
_entity_poly.pdbx_seq_one_letter_code
;SSVQTAATS(FTR)GTVPSIRVYTANNGKITERC(FTR)DGKG(FTR)YTGAFNEPGDNVSVTS(FTR)LVGSAIHIRVY
ASTGTTTTE(FTR)C(FTR)DGNG(FTR)TKGAYTSTN
;
_entity_poly.pdbx_strand_id   A,B
#
loop_
_chem_comp.id
_chem_comp.type
_chem_comp.name
_chem_comp.formula
CL non-polymer 'CHLORIDE ION' 'Cl -1'
EOH non-polymer ETHANOL 'C2 H6 O'
FUC L-saccharide, alpha linking alpha-L-fucopyranose 'C6 H12 O5'
GAL D-saccharide, beta linking beta-D-galactopyranose 'C6 H12 O6'
GLA D-saccharide, alpha linking alpha-D-galactopyranose 'C6 H12 O6'
NA non-polymer 'SODIUM ION' 'Na 1'
NAG D-saccharide, beta linking 2-acetamido-2-deoxy-beta-D-glucopyranose 'C8 H15 N O6'
#
# COMPACT_ATOMS: atom_id res chain seq x y z
N SER A 2 -26.12 0.51 -13.67
CA SER A 2 -25.87 -0.40 -12.53
C SER A 2 -24.42 -0.23 -12.05
N VAL A 3 -24.20 -0.46 -10.78
CA VAL A 3 -22.82 -0.69 -10.33
C VAL A 3 -22.23 -1.88 -11.09
N GLN A 4 -20.90 -1.94 -11.07
CA GLN A 4 -20.18 -2.98 -11.78
C GLN A 4 -19.25 -3.66 -10.81
N THR A 5 -19.27 -4.99 -10.82
CA THR A 5 -18.47 -5.74 -9.87
C THR A 5 -17.44 -6.66 -10.53
N ALA A 6 -16.48 -7.09 -9.72
CA ALA A 6 -15.48 -8.06 -10.09
C ALA A 6 -15.20 -8.91 -8.88
N ALA A 7 -15.01 -10.22 -9.05
CA ALA A 7 -14.85 -11.14 -7.92
C ALA A 7 -13.69 -12.07 -8.14
N THR A 8 -13.00 -12.39 -7.06
CA THR A 8 -11.93 -13.39 -7.06
C THR A 8 -12.02 -14.19 -5.76
N SER A 9 -11.43 -15.37 -5.77
CA SER A 9 -11.39 -16.23 -4.60
C SER A 9 -10.12 -17.05 -4.59
N FTR A 10 -9.76 -17.53 -3.41
CA FTR A 10 -8.58 -18.41 -3.27
CB FTR A 10 -7.29 -17.61 -3.09
CG FTR A 10 -7.22 -16.76 -1.85
CD2 FTR A 10 -7.59 -15.37 -1.77
CE2 FTR A 10 -7.30 -14.94 -0.40
CE3 FTR A 10 -8.07 -14.44 -2.68
CD1 FTR A 10 -6.76 -17.12 -0.59
NE1 FTR A 10 -6.84 -16.04 0.23
CZ2 FTR A 10 -7.56 -13.64 0.00
CZ3 FTR A 10 -8.30 -13.13 -2.25
F FTR A 10 -8.73 -12.22 -3.14
CH2 FTR A 10 -8.04 -12.74 -0.93
C FTR A 10 -8.79 -19.39 -2.14
O FTR A 10 -9.52 -19.15 -1.19
N GLY A 11 -8.10 -20.52 -2.25
CA GLY A 11 -8.13 -21.57 -1.26
C GLY A 11 -9.47 -22.28 -1.24
N THR A 12 -9.69 -23.06 -0.19
CA THR A 12 -10.88 -23.90 -0.05
C THR A 12 -11.80 -23.44 1.09
N VAL A 13 -11.39 -22.44 1.86
CA VAL A 13 -12.28 -21.90 2.90
C VAL A 13 -13.61 -21.44 2.30
N PRO A 14 -13.62 -20.62 1.25
CA PRO A 14 -12.52 -19.90 0.63
C PRO A 14 -12.41 -18.51 1.21
N SER A 15 -11.43 -17.76 0.72
CA SER A 15 -11.52 -16.31 0.80
C SER A 15 -12.11 -15.81 -0.51
N ILE A 16 -12.94 -14.78 -0.43
CA ILE A 16 -13.54 -14.11 -1.59
C ILE A 16 -13.29 -12.62 -1.44
N ARG A 17 -13.03 -11.93 -2.53
CA ARG A 17 -13.04 -10.46 -2.59
C ARG A 17 -13.94 -10.04 -3.72
N VAL A 18 -14.82 -9.08 -3.44
CA VAL A 18 -15.72 -8.49 -4.43
C VAL A 18 -15.47 -7.01 -4.49
N TYR A 19 -15.12 -6.50 -5.66
CA TYR A 19 -14.88 -5.09 -5.89
C TYR A 19 -16.07 -4.48 -6.61
N THR A 20 -16.51 -3.30 -6.17
CA THR A 20 -17.68 -2.66 -6.77
C THR A 20 -17.35 -1.24 -7.16
N ALA A 21 -17.55 -0.91 -8.44
CA ALA A 21 -17.45 0.45 -8.95
C ALA A 21 -18.84 1.08 -8.91
N ASN A 22 -18.91 2.22 -8.22
CA ASN A 22 -20.18 2.97 -8.05
C ASN A 22 -19.87 4.44 -8.01
N ASN A 23 -20.43 5.19 -8.96
N ASN A 23 -20.44 5.20 -8.95
CA ASN A 23 -20.31 6.65 -8.98
CA ASN A 23 -20.29 6.66 -8.96
C ASN A 23 -18.85 7.12 -8.96
C ASN A 23 -18.84 7.12 -8.95
N GLY A 24 -18.00 6.39 -9.66
CA GLY A 24 -16.61 6.77 -9.80
C GLY A 24 -15.64 6.32 -8.74
N LYS A 25 -16.10 5.53 -7.75
CA LYS A 25 -15.25 4.95 -6.71
C LYS A 25 -15.42 3.46 -6.68
N ILE A 26 -14.32 2.77 -6.40
CA ILE A 26 -14.32 1.34 -6.19
C ILE A 26 -14.07 1.01 -4.72
N THR A 27 -14.95 0.17 -4.18
CA THR A 27 -14.83 -0.33 -2.83
C THR A 27 -14.71 -1.85 -2.85
N GLU A 28 -14.36 -2.43 -1.71
CA GLU A 28 -14.03 -3.83 -1.58
C GLU A 28 -14.78 -4.47 -0.43
N ARG A 29 -15.34 -5.65 -0.70
CA ARG A 29 -15.95 -6.48 0.34
C ARG A 29 -15.23 -7.80 0.39
N CYS A 30 -15.19 -8.40 1.58
CA CYS A 30 -14.28 -9.51 1.89
C CYS A 30 -14.98 -10.58 2.67
N FTR A 31 -14.71 -11.83 2.34
CA FTR A 31 -15.14 -13.00 3.09
CB FTR A 31 -16.16 -13.81 2.29
CG FTR A 31 -16.52 -15.14 2.85
CD2 FTR A 31 -17.68 -15.42 3.71
CE2 FTR A 31 -17.63 -16.85 3.95
CE3 FTR A 31 -18.76 -14.65 4.20
CD1 FTR A 31 -15.90 -16.34 2.67
NE1 FTR A 31 -16.55 -17.36 3.33
CZ2 FTR A 31 -18.63 -17.45 4.73
CZ3 FTR A 31 -19.72 -15.31 4.94
F FTR A 31 -20.78 -14.59 5.38
CH2 FTR A 31 -19.67 -16.67 5.18
C FTR A 31 -13.91 -13.84 3.33
O FTR A 31 -13.21 -14.19 2.37
N ASP A 32 -13.65 -14.21 4.59
CA ASP A 32 -12.56 -15.12 4.95
C ASP A 32 -13.12 -16.26 5.81
N GLY A 33 -14.40 -16.57 5.64
CA GLY A 33 -15.00 -17.70 6.32
C GLY A 33 -15.91 -17.36 7.46
N LYS A 34 -15.95 -16.08 7.86
CA LYS A 34 -16.62 -15.71 9.11
C LYS A 34 -17.68 -14.65 8.96
N GLY A 35 -17.95 -14.18 7.75
CA GLY A 35 -18.80 -13.02 7.53
C GLY A 35 -18.20 -12.07 6.51
N FTR A 36 -19.01 -11.12 6.03
CA FTR A 36 -18.56 -10.12 5.06
CB FTR A 36 -19.68 -9.80 4.08
CG FTR A 36 -19.96 -10.94 3.15
CD2 FTR A 36 -19.20 -11.27 1.93
CE2 FTR A 36 -19.77 -12.46 1.38
CE3 FTR A 36 -18.14 -10.61 1.32
CD1 FTR A 36 -20.88 -11.97 3.25
NE1 FTR A 36 -20.79 -12.83 2.20
CZ2 FTR A 36 -19.27 -12.99 0.19
CZ3 FTR A 36 -17.66 -11.18 0.14
F FTR A 36 -16.63 -10.60 -0.51
CH2 FTR A 36 -18.21 -12.33 -0.40
C FTR A 36 -18.17 -8.84 5.76
O FTR A 36 -18.88 -8.34 6.65
N TYR A 37 -17.03 -8.28 5.35
CA TYR A 37 -16.58 -7.01 5.89
C TYR A 37 -15.99 -6.12 4.80
N THR A 38 -16.00 -4.83 5.00
CA THR A 38 -15.43 -3.87 4.06
C THR A 38 -13.93 -3.85 4.20
N GLY A 39 -13.26 -4.00 3.05
CA GLY A 39 -11.81 -4.06 3.01
C GLY A 39 -11.17 -2.71 2.89
N ALA A 40 -9.84 -2.72 2.89
CA ALA A 40 -9.04 -1.52 2.80
C ALA A 40 -8.99 -0.86 1.44
N PHE A 41 -9.32 -1.59 0.37
CA PHE A 41 -9.19 -1.02 -0.97
C PHE A 41 -10.26 0.03 -1.24
N ASN A 42 -9.85 1.25 -1.57
N ASN A 42 -9.85 1.24 -1.59
CA ASN A 42 -10.80 2.32 -1.93
CA ASN A 42 -10.79 2.31 -1.93
C ASN A 42 -10.08 3.25 -2.87
C ASN A 42 -10.07 3.25 -2.86
N GLU A 43 -10.39 3.19 -4.16
CA GLU A 43 -9.71 4.00 -5.17
C GLU A 43 -10.67 4.42 -6.26
N PRO A 44 -10.31 5.47 -7.01
CA PRO A 44 -11.20 5.88 -8.09
C PRO A 44 -11.33 4.83 -9.18
N GLY A 45 -12.50 4.78 -9.80
CA GLY A 45 -12.71 3.98 -10.98
C GLY A 45 -14.18 3.85 -11.29
N ASP A 46 -14.48 3.71 -12.57
CA ASP A 46 -15.81 3.45 -13.08
C ASP A 46 -16.00 2.00 -13.54
N ASN A 47 -14.91 1.28 -13.75
CA ASN A 47 -14.93 -0.11 -14.17
C ASN A 47 -13.80 -0.81 -13.42
N VAL A 48 -14.04 -2.09 -13.10
CA VAL A 48 -13.06 -2.87 -12.36
C VAL A 48 -13.00 -4.30 -12.86
N SER A 49 -11.77 -4.84 -12.92
CA SER A 49 -11.53 -6.29 -13.09
C SER A 49 -10.49 -6.70 -12.07
N VAL A 50 -10.35 -8.01 -11.88
CA VAL A 50 -9.46 -8.52 -10.85
C VAL A 50 -8.94 -9.91 -11.25
N THR A 51 -7.74 -10.21 -10.77
CA THR A 51 -7.25 -11.58 -10.73
C THR A 51 -6.38 -11.74 -9.49
N SER A 52 -6.10 -13.00 -9.14
CA SER A 52 -5.27 -13.27 -7.97
C SER A 52 -4.59 -14.61 -8.11
N FTR A 53 -3.52 -14.80 -7.33
CA FTR A 53 -2.81 -16.07 -7.29
CB FTR A 53 -1.75 -16.25 -8.41
CG FTR A 53 -0.67 -15.22 -8.34
CD2 FTR A 53 -0.71 -13.87 -8.85
CE2 FTR A 53 0.57 -13.28 -8.48
CE3 FTR A 53 -1.67 -13.14 -9.53
CD1 FTR A 53 0.58 -15.40 -7.75
NE1 FTR A 53 1.29 -14.23 -7.87
CZ2 FTR A 53 0.81 -11.97 -8.81
CZ3 FTR A 53 -1.37 -11.85 -9.87
F FTR A 53 -2.26 -11.11 -10.58
CH2 FTR A 53 -0.15 -11.24 -9.52
C FTR A 53 -2.17 -16.23 -5.92
O FTR A 53 -1.75 -15.24 -5.30
N LEU A 54 -2.08 -17.46 -5.48
CA LEU A 54 -1.38 -17.82 -4.24
C LEU A 54 0.05 -18.27 -4.50
N VAL A 55 0.97 -17.81 -3.69
CA VAL A 55 2.31 -18.42 -3.67
C VAL A 55 2.36 -19.01 -2.28
N GLY A 56 2.21 -20.33 -2.21
CA GLY A 56 2.11 -21.03 -0.96
C GLY A 56 0.90 -20.54 -0.19
N SER A 57 1.15 -19.87 0.92
CA SER A 57 0.09 -19.28 1.73
C SER A 57 -0.03 -17.75 1.62
N ALA A 58 0.62 -17.12 0.64
CA ALA A 58 0.57 -15.66 0.50
C ALA A 58 -0.25 -15.25 -0.73
N ILE A 59 -1.29 -14.42 -0.56
CA ILE A 59 -2.15 -14.01 -1.71
C ILE A 59 -1.60 -12.78 -2.39
N HIS A 60 -1.69 -12.77 -3.71
CA HIS A 60 -1.34 -11.63 -4.55
C HIS A 60 -2.58 -11.31 -5.35
N ILE A 61 -3.01 -10.06 -5.29
CA ILE A 61 -4.23 -9.61 -5.96
C ILE A 61 -3.86 -8.46 -6.89
N ARG A 62 -4.43 -8.42 -8.08
CA ARG A 62 -4.29 -7.30 -9.00
C ARG A 62 -5.68 -6.82 -9.37
N VAL A 63 -5.95 -5.54 -9.11
CA VAL A 63 -7.21 -4.89 -9.43
C VAL A 63 -6.96 -3.87 -10.52
N TYR A 64 -7.70 -3.96 -11.63
CA TYR A 64 -7.52 -3.05 -12.76
C TYR A 64 -8.70 -2.09 -12.73
N ALA A 65 -8.41 -0.82 -12.39
CA ALA A 65 -9.40 0.22 -12.18
C ALA A 65 -9.39 1.18 -13.35
N SER A 66 -10.50 1.27 -14.08
CA SER A 66 -10.52 2.12 -15.28
C SER A 66 -11.49 3.27 -15.12
N THR A 67 -11.16 4.36 -15.79
CA THR A 67 -12.05 5.51 -15.91
C THR A 67 -11.77 6.15 -17.24
N GLY A 68 -12.80 6.45 -18.04
CA GLY A 68 -12.58 6.85 -19.42
C GLY A 68 -11.67 5.82 -20.11
N THR A 69 -10.64 6.27 -20.78
CA THR A 69 -9.68 5.39 -21.42
C THR A 69 -8.44 5.07 -20.61
N THR A 70 -8.45 5.42 -19.32
N THR A 70 -8.42 5.43 -19.34
CA THR A 70 -7.32 5.24 -18.43
CA THR A 70 -7.25 5.15 -18.51
C THR A 70 -7.54 3.98 -17.55
C THR A 70 -7.52 3.98 -17.57
N THR A 71 -6.52 3.15 -17.40
CA THR A 71 -6.58 2.00 -16.49
C THR A 71 -5.37 2.04 -15.59
N THR A 72 -5.60 1.94 -14.29
CA THR A 72 -4.57 1.85 -13.28
C THR A 72 -4.65 0.48 -12.62
N GLU A 73 -3.50 -0.19 -12.50
CA GLU A 73 -3.38 -1.43 -11.77
C GLU A 73 -3.05 -1.18 -10.33
N FTR A 74 -3.77 -1.84 -9.42
CA FTR A 74 -3.46 -1.83 -8.02
CB FTR A 74 -4.69 -1.37 -7.22
CG FTR A 74 -5.08 0.07 -7.54
CD2 FTR A 74 -4.53 1.26 -6.91
CE2 FTR A 74 -5.11 2.38 -7.57
CE3 FTR A 74 -3.60 1.37 -5.89
CD1 FTR A 74 -5.96 0.55 -8.48
NE1 FTR A 74 -5.98 1.92 -8.48
CZ2 FTR A 74 -4.80 3.68 -7.12
CZ3 FTR A 74 -3.33 2.70 -5.51
F FTR A 74 -2.43 2.88 -4.54
CH2 FTR A 74 -3.92 3.80 -6.09
C FTR A 74 -3.04 -3.20 -7.57
O FTR A 74 -3.53 -4.23 -8.09
N CYS A 75 -2.08 -3.25 -6.65
CA CYS A 75 -1.42 -4.48 -6.25
C CYS A 75 -1.48 -4.72 -4.78
N FTR A 76 -1.94 -5.90 -4.38
CA FTR A 76 -1.80 -6.39 -3.01
CB FTR A 76 -3.15 -6.91 -2.46
CG FTR A 76 -3.02 -7.52 -1.11
CD2 FTR A 76 -3.17 -6.81 0.16
CE2 FTR A 76 -2.87 -7.83 1.17
CE3 FTR A 76 -3.53 -5.52 0.46
CD1 FTR A 76 -2.67 -8.81 -0.78
NE1 FTR A 76 -2.57 -8.97 0.58
CZ2 FTR A 76 -2.94 -7.44 2.53
CZ3 FTR A 76 -3.60 -5.17 1.80
F FTR A 76 -3.98 -3.92 2.11
CH2 FTR A 76 -3.33 -6.13 2.79
C FTR A 76 -0.81 -7.54 -3.02
O FTR A 76 -0.98 -8.51 -3.80
N ASP A 77 0.24 -7.46 -2.19
CA ASP A 77 1.22 -8.54 -2.09
C ASP A 77 1.57 -8.87 -0.66
N GLY A 78 0.63 -8.63 0.23
CA GLY A 78 0.72 -9.07 1.62
C GLY A 78 0.74 -7.95 2.64
N ASN A 79 0.94 -6.73 2.17
CA ASN A 79 1.02 -5.60 3.08
C ASN A 79 -0.05 -4.52 2.86
N GLY A 80 -0.18 -4.04 1.64
CA GLY A 80 -0.97 -2.85 1.32
C GLY A 80 -1.22 -2.72 -0.15
N FTR A 81 -1.99 -1.73 -0.56
CA FTR A 81 -2.29 -1.46 -1.96
CB FTR A 81 -3.74 -1.06 -2.03
CG FTR A 81 -4.70 -2.17 -1.66
CD2 FTR A 81 -5.11 -3.26 -2.53
CE2 FTR A 81 -6.06 -4.06 -1.78
CE3 FTR A 81 -4.77 -3.58 -3.82
CD1 FTR A 81 -5.40 -2.38 -0.47
NE1 FTR A 81 -6.19 -3.47 -0.56
CZ2 FTR A 81 -6.68 -5.15 -2.37
CZ3 FTR A 81 -5.39 -4.70 -4.37
F FTR A 81 -5.07 -5.06 -5.63
CH2 FTR A 81 -6.34 -5.48 -3.68
C FTR A 81 -1.39 -0.42 -2.52
O FTR A 81 -1.26 0.70 -2.00
N THR A 82 -0.80 -0.79 -3.62
CA THR A 82 0.25 -0.07 -4.27
C THR A 82 -0.07 0.04 -5.78
N LYS A 83 0.11 1.17 -6.48
CA LYS A 83 -0.09 1.25 -7.93
C LYS A 83 0.99 0.41 -8.59
N GLY A 84 0.58 -0.39 -9.56
CA GLY A 84 1.49 -1.24 -10.31
C GLY A 84 1.97 -0.61 -11.56
N ALA A 85 2.78 -1.42 -12.26
CA ALA A 85 3.46 -0.99 -13.47
C ALA A 85 2.66 -1.07 -14.76
N TYR A 86 1.45 -1.68 -14.69
CA TYR A 86 0.63 -1.81 -15.86
C TYR A 86 0.35 -0.49 -16.53
N THR A 87 0.41 -0.50 -17.85
CA THR A 87 -0.19 0.50 -18.70
C THR A 87 -0.96 -0.19 -19.80
N SER A 88 -1.97 0.47 -20.33
CA SER A 88 -2.80 -0.13 -21.38
C SER A 88 -2.16 -0.19 -22.76
N THR A 89 -1.10 0.59 -22.97
N THR A 89 -1.13 0.64 -22.98
CA THR A 89 -0.35 0.60 -24.22
CA THR A 89 -0.40 0.75 -24.24
C THR A 89 1.08 1.02 -23.90
C THR A 89 1.06 1.04 -23.91
N ASN A 90 1.96 0.78 -24.87
CA ASN A 90 3.37 1.14 -24.77
C ASN A 90 4.03 0.66 -23.49
N SER B 2 29.07 5.00 5.38
CA SER B 2 28.13 4.53 6.45
C SER B 2 26.73 4.46 5.89
N VAL B 3 25.95 3.57 6.43
CA VAL B 3 24.50 3.62 6.25
C VAL B 3 23.97 4.95 6.81
N GLN B 4 22.75 5.29 6.40
CA GLN B 4 22.11 6.52 6.79
C GLN B 4 20.75 6.20 7.36
N THR B 5 20.44 6.74 8.54
CA THR B 5 19.20 6.39 9.21
C THR B 5 18.30 7.62 9.44
N ALA B 6 17.03 7.31 9.69
CA ALA B 6 16.01 8.29 10.07
C ALA B 6 15.08 7.63 11.05
N ALA B 7 14.65 8.33 12.09
CA ALA B 7 13.89 7.74 13.17
C ALA B 7 12.67 8.59 13.50
N THR B 8 11.57 7.92 13.84
CA THR B 8 10.38 8.58 14.33
C THR B 8 9.81 7.76 15.48
N SER B 9 8.94 8.36 16.28
CA SER B 9 8.30 7.70 17.40
C SER B 9 6.94 8.31 17.65
N FTR B 10 6.09 7.56 18.33
CA FTR B 10 4.75 8.08 18.71
CB FTR B 10 3.73 7.92 17.57
CG FTR B 10 3.45 6.49 17.20
CD2 FTR B 10 4.06 5.76 16.13
CE2 FTR B 10 3.42 4.44 16.08
CE3 FTR B 10 5.05 6.06 15.22
CD1 FTR B 10 2.49 5.64 17.75
NE1 FTR B 10 2.51 4.45 17.06
CZ2 FTR B 10 3.85 3.53 15.13
CZ3 FTR B 10 5.43 5.13 14.28
F FTR B 10 6.35 5.41 13.37
CH2 FTR B 10 4.83 3.85 14.23
C FTR B 10 4.27 7.43 19.97
O FTR B 10 4.67 6.32 20.32
N GLY B 11 3.39 8.13 20.68
CA GLY B 11 2.81 7.66 21.92
C GLY B 11 3.81 7.65 23.06
N THR B 12 3.44 7.00 24.15
CA THR B 12 4.23 6.93 25.38
C THR B 12 4.77 5.51 25.65
N VAL B 13 4.37 4.53 24.84
CA VAL B 13 4.92 3.17 25.01
C VAL B 13 6.46 3.19 24.96
N PRO B 14 7.06 3.80 23.92
CA PRO B 14 6.48 4.32 22.68
C PRO B 14 6.55 3.26 21.59
N SER B 15 6.04 3.60 20.40
CA SER B 15 6.44 2.93 19.16
C SER B 15 7.56 3.75 18.53
N ILE B 16 8.54 3.06 17.97
CA ILE B 16 9.66 3.69 17.26
C ILE B 16 9.75 2.99 15.91
N ARG B 17 10.08 3.75 14.86
CA ARG B 17 10.48 3.19 13.55
C ARG B 17 11.79 3.82 13.15
N VAL B 18 12.74 2.97 12.74
CA VAL B 18 14.04 3.40 12.26
C VAL B 18 14.20 2.92 10.84
N TYR B 19 14.45 3.82 9.90
CA TYR B 19 14.68 3.51 8.51
C TYR B 19 16.14 3.62 8.21
N THR B 20 16.68 2.66 7.44
CA THR B 20 18.09 2.64 7.13
C THR B 20 18.29 2.50 5.63
N ALA B 21 19.02 3.47 5.05
CA ALA B 21 19.44 3.40 3.67
C ALA B 21 20.84 2.75 3.62
N ASN B 22 20.97 1.68 2.82
CA ASN B 22 22.22 0.93 2.71
C ASN B 22 22.31 0.44 1.29
N ASN B 23 23.31 0.91 0.55
CA ASN B 23 23.64 0.33 -0.77
C ASN B 23 22.43 0.36 -1.72
N GLY B 24 21.70 1.46 -1.64
CA GLY B 24 20.58 1.72 -2.51
C GLY B 24 19.23 1.14 -2.15
N LYS B 25 19.13 0.53 -0.96
CA LYS B 25 17.88 0.00 -0.44
C LYS B 25 17.59 0.59 0.93
N ILE B 26 16.32 0.84 1.21
CA ILE B 26 15.87 1.31 2.52
C ILE B 26 15.08 0.18 3.18
N THR B 27 15.44 -0.15 4.42
CA THR B 27 14.73 -1.11 5.24
C THR B 27 14.24 -0.44 6.53
N GLU B 28 13.38 -1.13 7.25
CA GLU B 28 12.67 -0.57 8.40
C GLU B 28 12.80 -1.52 9.58
N ARG B 29 13.09 -0.96 10.74
CA ARG B 29 13.05 -1.66 12.02
C ARG B 29 12.04 -1.01 12.93
N CYS B 30 11.42 -1.81 13.80
CA CYS B 30 10.24 -1.45 14.53
C CYS B 30 10.30 -1.87 15.97
N FTR B 31 9.87 -0.99 16.88
CA FTR B 31 9.68 -1.29 18.30
CB FTR B 31 10.68 -0.49 19.15
CG FTR B 31 10.44 -0.53 20.64
CD2 FTR B 31 11.10 -1.46 21.58
CE2 FTR B 31 10.59 -1.09 22.88
CE3 FTR B 31 12.07 -2.44 21.42
CD1 FTR B 31 9.64 0.26 21.43
NE1 FTR B 31 9.72 -0.07 22.74
CZ2 FTR B 31 11.06 -1.78 24.01
CZ3 FTR B 31 12.51 -3.07 22.60
F FTR B 31 13.46 -4.01 22.48
CH2 FTR B 31 12.02 -2.75 23.83
C FTR B 31 8.29 -0.88 18.68
O FTR B 31 7.91 0.30 18.44
N ASP B 32 7.50 -1.80 19.25
CA ASP B 32 6.16 -1.48 19.77
C ASP B 32 6.07 -1.92 21.23
N GLY B 33 7.18 -1.91 21.94
CA GLY B 33 7.19 -2.20 23.36
C GLY B 33 7.71 -3.58 23.74
N LYS B 34 7.88 -4.46 22.76
CA LYS B 34 8.10 -5.90 23.03
C LYS B 34 9.38 -6.46 22.42
N GLY B 35 10.19 -5.63 21.75
CA GLY B 35 11.34 -6.10 21.01
C GLY B 35 11.40 -5.44 19.64
N FTR B 36 12.54 -5.59 18.99
CA FTR B 36 12.75 -5.02 17.66
CB FTR B 36 14.20 -4.54 17.52
CG FTR B 36 14.47 -3.33 18.34
CD2 FTR B 36 14.16 -1.95 17.94
CE2 FTR B 36 14.57 -1.11 19.05
CE3 FTR B 36 13.60 -1.41 16.78
CD1 FTR B 36 15.03 -3.22 19.59
NE1 FTR B 36 15.10 -1.92 19.98
CZ2 FTR B 36 14.44 0.28 18.93
CZ3 FTR B 36 13.47 -0.03 16.75
F FTR B 36 12.93 0.55 15.64
CH2 FTR B 36 13.89 0.83 17.76
C FTR B 36 12.47 -6.04 16.60
O FTR B 36 12.90 -7.21 16.68
N TYR B 37 11.76 -5.63 15.56
CA TYR B 37 11.48 -6.48 14.42
C TYR B 37 11.57 -5.75 13.10
N THR B 38 11.86 -6.46 12.03
CA THR B 38 11.93 -5.89 10.69
C THR B 38 10.53 -5.67 10.15
N GLY B 39 10.29 -4.43 9.72
CA GLY B 39 9.01 -4.03 9.19
C GLY B 39 8.83 -4.36 7.73
N ALA B 40 7.64 -4.05 7.26
CA ALA B 40 7.26 -4.31 5.88
C ALA B 40 7.86 -3.36 4.86
N PHE B 41 8.32 -2.20 5.31
CA PHE B 41 8.80 -1.21 4.37
C PHE B 41 10.15 -1.60 3.78
N ASN B 42 10.22 -1.72 2.47
N ASN B 42 10.22 -1.72 2.47
CA ASN B 42 11.47 -2.05 1.80
CA ASN B 42 11.46 -2.09 1.78
C ASN B 42 11.38 -1.51 0.39
C ASN B 42 11.38 -1.52 0.38
N GLU B 43 12.10 -0.42 0.15
CA GLU B 43 12.04 0.31 -1.12
C GLU B 43 13.40 0.84 -1.53
N PRO B 44 13.59 1.13 -2.82
CA PRO B 44 14.87 1.69 -3.22
C PRO B 44 15.05 3.10 -2.68
N GLY B 45 16.31 3.41 -2.44
CA GLY B 45 16.72 4.74 -2.10
C GLY B 45 18.11 4.78 -1.50
N ASP B 46 18.77 5.91 -1.69
CA ASP B 46 20.08 6.18 -1.13
C ASP B 46 20.02 7.09 0.10
N ASN B 47 18.87 7.76 0.31
CA ASN B 47 18.67 8.69 1.42
C ASN B 47 17.23 8.57 1.87
N VAL B 48 17.05 8.67 3.18
CA VAL B 48 15.73 8.58 3.78
C VAL B 48 15.53 9.64 4.86
N SER B 49 14.31 10.19 4.87
CA SER B 49 13.81 10.99 6.00
C SER B 49 12.41 10.52 6.34
N VAL B 50 11.90 10.95 7.49
CA VAL B 50 10.61 10.46 7.95
C VAL B 50 9.94 11.49 8.85
N THR B 51 8.62 11.49 8.85
CA THR B 51 7.86 12.13 9.91
C THR B 51 6.57 11.34 10.14
N SER B 52 5.92 11.59 11.26
CA SER B 52 4.69 10.89 11.58
C SER B 52 3.78 11.73 12.46
N FTR B 53 2.50 11.37 12.49
CA FTR B 53 1.54 12.01 13.41
CB FTR B 53 0.97 13.32 12.82
CG FTR B 53 0.17 13.12 11.57
CD2 FTR B 53 0.69 12.99 10.22
CE2 FTR B 53 -0.46 12.75 9.34
CE3 FTR B 53 1.97 13.07 9.67
CD1 FTR B 53 -1.21 12.97 11.45
NE1 FTR B 53 -1.54 12.75 10.16
CZ2 FTR B 53 -0.22 12.55 8.01
CZ3 FTR B 53 2.15 12.93 8.32
F FTR B 53 3.39 13.04 7.77
CH2 FTR B 53 1.06 12.64 7.47
C FTR B 53 0.44 11.03 13.75
O FTR B 53 0.07 10.19 12.92
N LEU B 54 -0.06 11.13 14.97
CA LEU B 54 -1.21 10.35 15.42
C LEU B 54 -2.53 11.10 15.21
N VAL B 55 -3.54 10.38 14.76
CA VAL B 55 -4.92 10.88 14.78
C VAL B 55 -5.65 9.90 15.69
N GLY B 56 -5.93 10.30 16.93
CA GLY B 56 -6.43 9.39 17.96
C GLY B 56 -5.44 8.24 18.15
N SER B 57 -5.86 7.04 17.78
CA SER B 57 -5.00 5.84 17.86
C SER B 57 -4.44 5.31 16.51
N ALA B 58 -4.63 6.04 15.42
CA ALA B 58 -4.19 5.62 14.09
C ALA B 58 -2.90 6.40 13.75
N ILE B 59 -1.79 5.70 13.49
CA ILE B 59 -0.54 6.38 13.10
C ILE B 59 -0.53 6.64 11.60
N HIS B 60 0.02 7.79 11.23
CA HIS B 60 0.27 8.13 9.85
C HIS B 60 1.77 8.42 9.74
N ILE B 61 2.43 7.77 8.81
CA ILE B 61 3.89 7.89 8.62
C ILE B 61 4.12 8.32 7.18
N ARG B 62 5.08 9.22 6.96
CA ARG B 62 5.54 9.59 5.66
C ARG B 62 7.05 9.38 5.60
N VAL B 63 7.50 8.58 4.64
CA VAL B 63 8.89 8.28 4.41
C VAL B 63 9.31 8.87 3.08
N TYR B 64 10.36 9.68 3.06
CA TYR B 64 10.81 10.35 1.83
C TYR B 64 12.08 9.64 1.42
N ALA B 65 12.02 8.91 0.29
CA ALA B 65 13.10 8.05 -0.22
C ALA B 65 13.69 8.71 -1.45
N SER B 66 14.96 9.05 -1.40
CA SER B 66 15.61 9.75 -2.52
C SER B 66 16.72 8.94 -3.15
N THR B 67 16.83 9.11 -4.47
CA THR B 67 17.97 8.63 -5.24
C THR B 67 18.30 9.66 -6.29
N GLY B 68 19.58 10.00 -6.44
CA GLY B 68 19.90 11.12 -7.34
C GLY B 68 19.13 12.38 -6.83
N THR B 69 18.51 13.02 -7.83
CA THR B 69 17.68 14.18 -7.53
C THR B 69 16.16 13.86 -7.50
N THR B 70 15.78 12.57 -7.41
CA THR B 70 14.40 12.10 -7.35
C THR B 70 14.06 11.78 -5.88
N THR B 71 12.89 12.20 -5.42
CA THR B 71 12.37 11.83 -4.12
C THR B 71 10.95 11.26 -4.27
N THR B 72 10.71 10.08 -3.71
CA THR B 72 9.39 9.44 -3.67
C THR B 72 8.92 9.45 -2.23
N GLU B 73 7.70 9.89 -2.01
CA GLU B 73 7.05 9.77 -0.71
C GLU B 73 6.29 8.47 -0.58
N FTR B 74 6.45 7.77 0.53
CA FTR B 74 5.67 6.62 0.92
CB FTR B 74 6.62 5.45 1.22
CG FTR B 74 7.26 4.95 -0.02
CD2 FTR B 74 6.66 3.95 -0.92
CE2 FTR B 74 7.61 3.79 -2.00
CE3 FTR B 74 5.45 3.22 -0.83
CD1 FTR B 74 8.46 5.32 -0.58
NE1 FTR B 74 8.67 4.61 -1.75
CZ2 FTR B 74 7.26 2.83 -3.01
CZ3 FTR B 74 5.16 2.28 -1.83
F FTR B 74 4.01 1.57 -1.75
CH2 FTR B 74 6.04 2.13 -2.90
C FTR B 74 4.81 6.93 2.09
O FTR B 74 5.20 7.72 2.97
N CYS B 75 3.60 6.37 2.14
CA CYS B 75 2.58 6.68 3.11
C CYS B 75 2.07 5.44 3.83
N FTR B 76 2.01 5.50 5.15
CA FTR B 76 1.28 4.53 5.98
CB FTR B 76 2.20 3.97 7.07
CG FTR B 76 1.43 3.09 8.03
CD2 FTR B 76 1.29 1.64 7.98
CE2 FTR B 76 0.42 1.27 9.06
CE3 FTR B 76 1.87 0.75 7.13
CD1 FTR B 76 0.68 3.46 9.10
NE1 FTR B 76 0.09 2.37 9.71
CZ2 FTR B 76 0.14 -0.08 9.26
CZ3 FTR B 76 1.57 -0.60 7.37
F FTR B 76 2.15 -1.53 6.59
CH2 FTR B 76 0.72 -0.98 8.39
C FTR B 76 0.16 5.29 6.61
O FTR B 76 0.38 6.35 7.22
N ASP B 77 -1.07 4.80 6.42
CA ASP B 77 -2.25 5.43 7.01
C ASP B 77 -3.18 4.45 7.74
N GLY B 78 -2.63 3.36 8.25
CA GLY B 78 -3.37 2.44 9.09
C GLY B 78 -3.45 1.07 8.51
N ASN B 79 -3.15 0.92 7.23
CA ASN B 79 -3.31 -0.39 6.66
C ASN B 79 -2.06 -0.99 6.04
N GLY B 80 -1.39 -0.21 5.24
CA GLY B 80 -0.30 -0.65 4.45
C GLY B 80 0.37 0.51 3.75
N FTR B 81 1.49 0.24 3.12
CA FTR B 81 2.26 1.26 2.43
CB FTR B 81 3.74 0.90 2.32
CG FTR B 81 4.39 0.85 3.68
CD2 FTR B 81 4.89 1.99 4.43
CE2 FTR B 81 5.39 1.46 5.68
CE3 FTR B 81 4.89 3.35 4.20
CD1 FTR B 81 4.67 -0.27 4.43
NE1 FTR B 81 5.24 0.12 5.60
CZ2 FTR B 81 5.95 2.31 6.62
CZ3 FTR B 81 5.46 4.16 5.19
F FTR B 81 5.52 5.52 5.00
CH2 FTR B 81 5.98 3.67 6.39
C FTR B 81 1.73 1.55 1.06
O FTR B 81 1.39 0.61 0.32
N THR B 82 1.68 2.83 0.71
CA THR B 82 1.24 3.29 -0.61
C THR B 82 2.04 4.52 -1.02
N LYS B 83 2.35 4.70 -2.30
CA LYS B 83 3.09 5.90 -2.75
C LYS B 83 2.23 7.15 -2.66
N GLY B 84 2.85 8.25 -2.23
CA GLY B 84 2.15 9.53 -2.07
C GLY B 84 2.35 10.49 -3.23
N ALA B 85 1.73 11.67 -3.05
CA ALA B 85 1.63 12.71 -4.06
C ALA B 85 2.79 13.69 -4.11
N TYR B 86 3.69 13.61 -3.12
CA TYR B 86 4.82 14.52 -3.07
C TYR B 86 5.65 14.50 -4.33
N THR B 87 6.07 15.68 -4.75
CA THR B 87 7.14 15.87 -5.67
C THR B 87 8.09 16.94 -5.11
N SER B 88 9.36 16.89 -5.50
CA SER B 88 10.35 17.83 -4.98
C SER B 88 10.26 19.24 -5.56
N THR B 89 9.57 19.38 -6.70
N THR B 89 9.60 19.38 -6.73
CA THR B 89 9.36 20.66 -7.34
CA THR B 89 9.43 20.63 -7.44
C THR B 89 8.07 20.60 -8.13
C THR B 89 8.08 20.60 -8.14
N ASN B 90 7.57 21.78 -8.51
CA ASN B 90 6.33 21.91 -9.31
C ASN B 90 5.16 21.13 -8.74
C1 NAG C . -6.88 -10.01 7.50
C2 NAG C . -6.95 -9.49 6.06
C3 NAG C . -7.02 -7.95 6.07
C4 NAG C . -8.19 -7.51 6.97
C5 NAG C . -8.22 -8.21 8.33
C6 NAG C . -9.60 -8.02 8.97
C7 NAG C . -5.85 -11.23 4.75
C8 NAG C . -4.60 -11.68 4.09
N2 NAG C . -5.79 -10.04 5.37
O1 NAG C . -6.79 -11.44 7.52
O3 NAG C . -7.09 -7.28 4.76
O4 NAG C . -8.20 -6.08 7.09
O5 NAG C . -8.04 -9.63 8.22
O6 NAG C . -9.47 -7.83 10.38
O7 NAG C . -6.86 -11.93 4.67
C1 FUC C . -8.12 -7.69 3.82
C2 FUC C . -8.51 -6.47 3.02
C3 FUC C . -7.43 -5.99 2.02
C4 FUC C . -7.06 -7.19 1.13
C5 FUC C . -6.60 -8.34 2.03
C6 FUC C . -6.19 -9.58 1.26
O2 FUC C . -8.86 -5.41 3.90
O3 FUC C . -7.86 -4.85 1.28
O4 FUC C . -8.19 -7.72 0.39
O5 FUC C . -7.62 -8.73 2.95
C1 GLA D . 10.67 -2.40 -4.91
C2 GLA D . 9.41 -2.65 -5.70
C3 GLA D . 9.67 -3.48 -6.93
C4 GLA D . 10.83 -2.91 -7.72
C5 GLA D . 12.06 -2.71 -6.85
C6 GLA D . 13.21 -2.08 -7.64
O1 GLA D . 11.11 -3.66 -4.40
O2 GLA D . 8.48 -3.37 -4.91
O3 GLA D . 8.45 -3.47 -7.69
O4 GLA D . 10.36 -1.68 -8.23
O5 GLA D . 11.68 -1.87 -5.77
O6 GLA D . 14.44 -2.13 -6.90
C1 NAG D . 7.97 -4.78 -7.82
C2 NAG D . 6.70 -4.68 -8.66
C3 NAG D . 6.18 -6.08 -9.05
C4 NAG D . 7.35 -6.92 -9.56
C5 NAG D . 8.61 -6.91 -8.68
C6 NAG D . 9.80 -7.63 -9.31
C7 NAG D . 5.27 -2.70 -8.20
C8 NAG D . 4.20 -2.11 -7.30
N2 NAG D . 5.67 -3.95 -7.92
O3 NAG D . 5.30 -5.94 -10.17
O4 NAG D . 7.09 -8.25 -9.79
O5 NAG D . 8.93 -5.56 -8.50
O6 NAG D . 9.52 -8.16 -10.62
O7 NAG D . 5.74 -2.09 -9.13
C1 FUC D . 3.91 -5.96 -9.85
C2 FUC D . 3.19 -5.00 -10.78
C3 FUC D . 3.19 -5.53 -12.22
C4 FUC D . 2.59 -6.94 -12.25
C5 FUC D . 3.39 -7.85 -11.29
C6 FUC D . 2.87 -9.26 -11.22
O2 FUC D . 3.78 -3.71 -10.71
O3 FUC D . 2.53 -4.64 -13.10
O4 FUC D . 1.25 -6.94 -11.75
O5 FUC D . 3.38 -7.29 -9.96
C1 GAL D . 6.27 -8.94 -8.92
C2 GAL D . 6.30 -10.40 -9.42
C3 GAL D . 5.29 -11.07 -8.51
C4 GAL D . 5.57 -10.83 -7.01
C5 GAL D . 5.65 -9.34 -6.67
C6 GAL D . 6.01 -9.06 -5.24
O2 GAL D . 6.00 -10.69 -10.86
O3 GAL D . 5.44 -12.48 -8.68
O4 GAL D . 6.80 -11.50 -6.59
O5 GAL D . 6.60 -8.73 -7.51
O6 GAL D . 6.13 -7.65 -5.00
C1 NAG E . 1.46 -4.66 13.68
C2 NAG E . 2.14 -3.55 12.89
C3 NAG E . 2.61 -4.15 11.57
C4 NAG E . 3.46 -5.42 11.80
C5 NAG E . 2.77 -6.43 12.69
C6 NAG E . 3.73 -7.56 13.06
C7 NAG E . 1.19 -1.41 13.59
C8 NAG E . 0.17 -0.36 13.36
N2 NAG E . 1.20 -2.45 12.76
O1 NAG E . 1.04 -4.11 14.92
O3 NAG E . 3.27 -3.17 10.75
O4 NAG E . 3.91 -5.98 10.53
O5 NAG E . 2.38 -5.74 13.89
O6 NAG E . 3.01 -8.63 13.65
O7 NAG E . 2.04 -1.29 14.49
C1 FUC E . 4.44 -2.50 11.22
C2 FUC E . 5.41 -2.42 10.06
C3 FUC E . 4.91 -1.45 8.99
C4 FUC E . 4.60 -0.08 9.63
C5 FUC E . 3.57 -0.28 10.73
C6 FUC E . 3.17 1.00 11.44
O2 FUC E . 5.64 -3.72 9.52
O3 FUC E . 5.84 -1.34 7.92
O4 FUC E . 5.79 0.52 10.23
O5 FUC E . 4.10 -1.20 11.72
C1 GAL E . 2.94 -6.54 9.65
C2 GAL E . 3.38 -6.26 8.21
C3 GAL E . 2.47 -7.05 7.24
C4 GAL E . 2.43 -8.54 7.58
C5 GAL E . 2.00 -8.67 9.04
C6 GAL E . 1.92 -10.12 9.54
O2 GAL E . 3.26 -4.85 8.04
O3 GAL E . 2.86 -6.82 5.87
O4 GAL E . 3.71 -9.13 7.34
O5 GAL E . 2.93 -7.94 9.87
O6 GAL E . 1.48 -10.12 10.92
C1 GLA F . -8.01 7.35 -2.90
C2 GLA F . -6.70 7.97 -2.42
C3 GLA F . -6.93 9.40 -1.98
C4 GLA F . -7.61 10.17 -3.11
C5 GLA F . -8.88 9.55 -3.61
C6 GLA F . -9.37 10.26 -4.87
O1 GLA F . -8.89 7.13 -1.79
O2 GLA F . -6.19 7.21 -1.36
O3 GLA F . -5.59 9.89 -1.83
O4 GLA F . -6.70 10.14 -4.21
O5 GLA F . -8.62 8.16 -3.88
O6 GLA F . -8.43 11.24 -5.36
C1 NAG F . -5.40 10.50 -0.60
C2 NAG F . -3.92 10.88 -0.50
C3 NAG F . -3.68 11.66 0.80
C4 NAG F . -4.74 12.75 0.98
C4 NAG F . -4.77 12.75 0.95
C5 NAG F . -6.19 12.30 0.80
C5 NAG F . -6.19 12.25 0.75
C6 NAG F . -7.16 13.47 0.87
C6 NAG F . -7.17 13.42 0.75
C7 NAG F . -2.34 9.28 -1.53
C8 NAG F . -1.58 7.98 -1.35
N2 NAG F . -3.10 9.67 -0.49
O3 NAG F . -2.41 12.35 0.65
O4 NAG F . -4.72 13.45 2.18
O4 NAG F . -4.73 13.47 2.16
O5 NAG F . -6.21 11.66 -0.46
O5 NAG F . -6.24 11.63 -0.51
O6 NAG F . -6.53 14.78 0.89
O6 NAG F . -7.21 13.98 -0.57
O7 NAG F . -2.28 9.91 -2.57
C1 FUC F . -1.30 11.76 1.30
C2 FUC F . -0.09 11.99 0.41
C3 FUC F . 0.30 13.48 0.40
C4 FUC F . 0.53 13.95 1.85
C5 FUC F . -0.75 13.71 2.65
C6 FUC F . -0.57 14.10 4.10
O2 FUC F . -0.31 11.53 -0.92
O3 FUC F . 1.44 13.70 -0.42
O4 FUC F . 1.60 13.19 2.48
O5 FUC F . -1.08 12.29 2.60
C1 GAL F . -4.41 12.72 3.30
C2 GAL F . -4.62 13.70 4.44
C3 GAL F . -4.23 12.93 5.68
C4 GAL F . -4.97 11.57 5.82
C5 GAL F . -4.78 10.72 4.56
C6 GAL F . -5.54 9.41 4.57
O2 GAL F . -3.89 14.99 4.33
O3 GAL F . -4.64 13.75 6.79
O4 GAL F . -6.37 11.79 6.08
O5 GAL F . -5.19 11.48 3.45
O6 GAL F . -5.42 8.70 3.33
C1 EOH G . -22.42 0.55 -2.47
C2 EOH G . -20.99 0.74 -1.98
O EOH G . -22.44 -0.33 -3.60
CL CL H . 2.04 -5.55 -0.47
NA NA I . 5.99 -0.79 -19.36
NA NA J . -10.44 -12.20 -13.47
NA NA K . -1.35 -4.29 6.05
NA NA L . 11.55 14.00 10.74
#